data_3BRC
#
_entry.id   3BRC
#
_cell.length_a   106.894
_cell.length_b   48.916
_cell.length_c   63.868
_cell.angle_alpha   90.00
_cell.angle_beta   118.54
_cell.angle_gamma   90.00
#
_symmetry.space_group_name_H-M   'C 1 2 1'
#
loop_
_entity.id
_entity.type
_entity.pdbx_description
1 polymer 'Conserved protein of unknown function'
2 non-polymer 'PHOSPHATE ION'
3 water water
#
_entity_poly.entity_id   1
_entity_poly.type   'polypeptide(L)'
_entity_poly.pdbx_seq_one_letter_code
;(MSE)LEDLIGKAYLESAEDRRRGDRSEEVEAIRKYIRSARRTVVPNWNAEKVDAINDVLRSFNLREAEHLQFNTNWADL
TR(MSE)PAVTKAL(MSE)ALDISGADLVIARGRLGVPGSGSLLVI(MSE)DSRGRLLSAA(MSE)SPPHVIHS(MSE)E
VREAVRSE(MSE)THALERIGFKR
;
_entity_poly.pdbx_strand_id   A,B
#
# COMPACT_ATOMS: atom_id res chain seq x y z
N LEU A 2 -17.65 -0.93 12.48
CA LEU A 2 -16.24 -0.63 12.32
C LEU A 2 -15.81 0.33 13.40
N GLU A 3 -16.66 1.30 13.74
CA GLU A 3 -16.32 2.24 14.79
C GLU A 3 -16.10 1.53 16.12
N ASP A 4 -16.98 0.58 16.43
CA ASP A 4 -16.92 -0.24 17.65
C ASP A 4 -15.54 -0.90 17.75
N LEU A 5 -15.16 -1.59 16.69
CA LEU A 5 -13.90 -2.30 16.66
C LEU A 5 -12.68 -1.38 16.61
N ILE A 6 -12.77 -0.22 15.92
CA ILE A 6 -11.67 0.74 15.95
C ILE A 6 -11.44 1.27 17.36
N GLY A 7 -12.50 1.70 18.03
CA GLY A 7 -12.41 2.20 19.39
C GLY A 7 -11.72 1.15 20.26
N LYS A 8 -12.15 -0.10 20.13
CA LYS A 8 -11.55 -1.18 20.92
C LYS A 8 -10.08 -1.44 20.56
N ALA A 9 -9.79 -1.51 19.26
CA ALA A 9 -8.41 -1.69 18.81
C ALA A 9 -7.50 -0.55 19.24
N TYR A 10 -8.00 0.69 19.16
CA TYR A 10 -7.20 1.85 19.57
C TYR A 10 -6.86 1.80 21.07
N LEU A 11 -7.82 1.36 21.89
CA LEU A 11 -7.60 1.26 23.33
C LEU A 11 -6.56 0.18 23.61
N GLU A 12 -6.67 -0.96 22.90
CA GLU A 12 -5.67 -2.03 22.97
C GLU A 12 -4.26 -1.51 22.73
N SER A 13 -4.07 -0.78 21.63
CA SER A 13 -2.74 -0.28 21.28
C SER A 13 -2.26 0.68 22.36
N ALA A 14 -3.18 1.52 22.82
CA ALA A 14 -2.87 2.56 23.80
C ALA A 14 -2.42 1.93 25.11
N GLU A 15 -3.01 0.78 25.45
CA GLU A 15 -2.68 0.09 26.72
C GLU A 15 -1.65 -1.04 26.55
N ASP A 16 -0.90 -0.99 25.44
CA ASP A 16 0.00 -2.08 25.00
C ASP A 16 -0.56 -3.50 25.10
N ARG A 17 -1.80 -3.68 24.70
CA ARG A 17 -2.39 -5.02 24.68
C ARG A 17 -2.54 -5.52 23.25
N ARG A 18 -2.10 -4.73 22.27
CA ARG A 18 -2.32 -5.06 20.86
C ARG A 18 -1.28 -6.07 20.41
N ARG A 19 -1.74 -7.22 19.94
CA ARG A 19 -0.86 -8.22 19.35
C ARG A 19 -1.46 -8.67 18.02
N GLY A 20 -1.37 -7.79 17.04
CA GLY A 20 -1.81 -8.07 15.68
C GLY A 20 -3.32 -7.94 15.50
N ASP A 21 -3.75 -8.21 14.29
CA ASP A 21 -5.16 -8.12 13.95
C ASP A 21 -5.91 -9.32 14.50
N ARG A 22 -7.20 -9.14 14.75
CA ARG A 22 -8.06 -10.13 15.34
C ARG A 22 -9.07 -10.62 14.30
N SER A 23 -9.39 -11.91 14.35
CA SER A 23 -10.34 -12.52 13.41
C SER A 23 -11.67 -11.76 13.34
N GLU A 24 -12.14 -11.22 14.46
CA GLU A 24 -13.39 -10.45 14.49
C GLU A 24 -13.27 -9.16 13.68
N GLU A 25 -12.08 -8.55 13.70
CA GLU A 25 -11.84 -7.34 12.91
C GLU A 25 -11.87 -7.67 11.43
N VAL A 26 -11.23 -8.76 11.03
CA VAL A 26 -11.21 -9.11 9.60
C VAL A 26 -12.63 -9.41 9.12
N GLU A 27 -13.36 -10.20 9.93
CA GLU A 27 -14.75 -10.54 9.64
C GLU A 27 -15.64 -9.30 9.43
N ALA A 28 -15.45 -8.28 10.28
CA ALA A 28 -16.20 -7.02 10.18
C ALA A 28 -15.90 -6.27 8.89
N ILE A 29 -14.64 -6.32 8.45
CA ILE A 29 -14.30 -5.71 7.17
C ILE A 29 -15.08 -6.41 6.04
N ARG A 30 -15.09 -7.73 6.05
CA ARG A 30 -15.87 -8.47 5.06
C ARG A 30 -17.34 -8.13 5.11
N LYS A 31 -17.91 -8.03 6.31
CA LYS A 31 -19.32 -7.71 6.46
C LYS A 31 -19.63 -6.32 5.92
N TYR A 32 -18.74 -5.36 6.19
CA TYR A 32 -18.91 -3.99 5.70
C TYR A 32 -18.97 -4.00 4.17
N ILE A 33 -18.03 -4.70 3.55
CA ILE A 33 -17.97 -4.77 2.09
C ILE A 33 -19.22 -5.44 1.52
N ARG A 34 -19.64 -6.55 2.12
CA ARG A 34 -20.82 -7.27 1.62
C ARG A 34 -22.10 -6.42 1.70
N SER A 35 -22.22 -5.62 2.75
CA SER A 35 -23.41 -4.82 2.98
C SER A 35 -23.41 -3.44 2.30
N ALA A 36 -22.31 -3.06 1.64
CA ALA A 36 -22.21 -1.73 1.05
C ALA A 36 -23.27 -1.53 -0.04
N ARG A 37 -24.09 -0.48 0.08
CA ARG A 37 -25.16 -0.30 -0.92
C ARG A 37 -24.66 0.28 -2.22
N ARG A 38 -23.64 1.12 -2.19
CA ARG A 38 -23.14 1.70 -3.40
C ARG A 38 -21.63 1.67 -3.42
N THR A 39 -21.07 1.06 -4.46
CA THR A 39 -19.64 0.94 -4.63
C THR A 39 -19.30 1.75 -5.90
N VAL A 40 -18.26 2.60 -5.81
CA VAL A 40 -17.88 3.43 -6.96
C VAL A 40 -16.40 3.22 -7.26
N VAL A 41 -16.07 3.29 -8.56
CA VAL A 41 -14.69 3.24 -9.04
C VAL A 41 -14.40 4.53 -9.84
N PRO A 42 -13.35 5.30 -9.49
CA PRO A 42 -13.02 6.50 -10.29
C PRO A 42 -12.36 6.19 -11.62
N ASN A 43 -11.71 5.05 -11.71
CA ASN A 43 -11.10 4.58 -12.96
C ASN A 43 -12.14 4.52 -14.06
N TRP A 44 -11.80 5.09 -15.21
CA TRP A 44 -12.75 5.19 -16.32
C TRP A 44 -12.50 4.13 -17.40
N ASN A 45 -11.30 3.55 -17.42
CA ASN A 45 -10.91 2.62 -18.47
C ASN A 45 -11.75 1.35 -18.39
N ALA A 46 -12.49 1.04 -19.45
CA ALA A 46 -13.47 -0.05 -19.43
C ALA A 46 -12.83 -1.38 -19.12
N GLU A 47 -11.63 -1.61 -19.62
CA GLU A 47 -10.96 -2.88 -19.38
C GLU A 47 -10.67 -3.07 -17.89
N LYS A 48 -10.30 -1.99 -17.21
CA LYS A 48 -10.00 -2.02 -15.79
C LYS A 48 -11.28 -2.11 -14.96
N VAL A 49 -12.30 -1.33 -15.31
CA VAL A 49 -13.56 -1.33 -14.59
C VAL A 49 -14.27 -2.67 -14.78
N ASP A 50 -14.24 -3.21 -16.00
CA ASP A 50 -14.80 -4.54 -16.28
C ASP A 50 -14.10 -5.66 -15.53
N ALA A 51 -12.77 -5.59 -15.45
CA ALA A 51 -12.02 -6.57 -14.67
C ALA A 51 -12.41 -6.55 -13.19
N ILE A 52 -12.48 -5.36 -12.62
CA ILE A 52 -12.93 -5.18 -11.25
C ILE A 52 -14.30 -5.82 -11.08
N ASN A 53 -15.24 -5.43 -11.93
CA ASN A 53 -16.61 -5.93 -11.84
C ASN A 53 -16.74 -7.42 -12.09
N ASP A 54 -15.88 -7.96 -12.96
CA ASP A 54 -15.81 -9.41 -13.17
C ASP A 54 -15.51 -10.10 -11.84
N VAL A 55 -14.54 -9.55 -11.10
CA VAL A 55 -14.09 -10.20 -9.87
C VAL A 55 -15.15 -10.05 -8.79
N LEU A 56 -15.73 -8.86 -8.65
CA LEU A 56 -16.79 -8.63 -7.68
C LEU A 56 -17.92 -9.62 -7.88
N ARG A 57 -18.34 -9.74 -9.14
CA ARG A 57 -19.41 -10.66 -9.49
C ARG A 57 -19.05 -12.09 -9.09
N SER A 58 -17.80 -12.49 -9.34
CA SER A 58 -17.34 -13.84 -8.98
C SER A 58 -17.34 -14.11 -7.47
N PHE A 59 -17.25 -13.06 -6.65
CA PHE A 59 -17.39 -13.20 -5.18
C PHE A 59 -18.79 -12.87 -4.66
N ASN A 60 -19.77 -12.75 -5.55
CA ASN A 60 -21.17 -12.45 -5.17
C ASN A 60 -21.30 -11.08 -4.52
N LEU A 61 -20.49 -10.13 -4.98
CA LEU A 61 -20.51 -8.77 -4.47
C LEU A 61 -21.15 -7.88 -5.52
N ARG A 62 -21.83 -6.82 -5.06
CA ARG A 62 -22.47 -5.88 -5.99
C ARG A 62 -21.43 -5.19 -6.87
N GLU A 63 -21.77 -5.00 -8.14
CA GLU A 63 -20.85 -4.35 -9.09
C GLU A 63 -20.71 -2.84 -8.81
N ALA A 64 -19.58 -2.29 -9.23
CA ALA A 64 -19.25 -0.88 -9.03
C ALA A 64 -19.72 -0.05 -10.19
N GLU A 65 -20.21 1.14 -9.88
CA GLU A 65 -20.44 2.15 -10.88
C GLU A 65 -19.17 2.94 -11.08
N HIS A 66 -18.88 3.37 -12.30
CA HIS A 66 -17.67 4.11 -12.45
C HIS A 66 -17.98 5.58 -12.69
N LEU A 67 -17.04 6.41 -12.30
CA LEU A 67 -17.15 7.84 -12.49
C LEU A 67 -16.46 8.24 -13.79
N GLN A 68 -16.79 9.42 -14.28
CA GLN A 68 -16.19 9.95 -15.49
C GLN A 68 -15.67 11.34 -15.23
N PHE A 69 -14.58 11.37 -14.49
CA PHE A 69 -13.86 12.58 -14.11
C PHE A 69 -12.40 12.42 -14.53
N ASN A 70 -11.68 13.53 -14.67
CA ASN A 70 -10.25 13.49 -14.99
C ASN A 70 -9.48 13.00 -13.79
N THR A 71 -8.85 11.82 -13.95
CA THR A 71 -8.10 11.19 -12.87
C THR A 71 -6.58 11.34 -13.00
N ASN A 72 -6.10 11.99 -14.05
CA ASN A 72 -4.67 12.26 -14.23
C ASN A 72 -4.12 13.14 -13.13
N TRP A 73 -5.01 13.93 -12.55
CA TRP A 73 -4.66 14.93 -11.56
C TRP A 73 -4.15 14.25 -10.28
N ALA A 74 -4.64 13.06 -9.98
CA ALA A 74 -4.17 12.28 -8.81
C ALA A 74 -2.66 11.96 -8.90
N ASP A 75 -2.14 11.91 -10.12
CA ASP A 75 -0.75 11.55 -10.36
C ASP A 75 0.25 12.65 -10.02
N LEU A 76 -0.25 13.79 -9.59
CA LEU A 76 0.59 14.87 -9.10
C LEU A 76 0.51 14.94 -7.57
N THR A 77 0.17 13.84 -6.92
CA THR A 77 0.14 13.78 -5.47
C THR A 77 1.01 12.64 -5.00
N ARG A 78 1.26 12.55 -3.70
CA ARG A 78 2.23 11.58 -3.22
C ARG A 78 1.76 10.13 -3.23
N PRO A 80 -1.02 8.50 -5.46
CA PRO A 80 -2.10 8.68 -6.46
C PRO A 80 -3.35 7.81 -6.30
N ALA A 81 -3.18 6.52 -6.04
CA ALA A 81 -4.35 5.62 -5.91
C ALA A 81 -5.24 6.08 -4.76
N VAL A 82 -4.62 6.43 -3.63
CA VAL A 82 -5.39 6.91 -2.46
C VAL A 82 -6.08 8.27 -2.72
N THR A 83 -5.35 9.20 -3.33
CA THR A 83 -5.96 10.44 -3.76
C THR A 83 -7.15 10.25 -4.68
N LYS A 84 -7.04 9.36 -5.68
CA LYS A 84 -8.11 9.07 -6.62
C LYS A 84 -9.33 8.51 -5.88
N ALA A 85 -9.08 7.61 -4.93
CA ALA A 85 -10.13 7.04 -4.12
C ALA A 85 -10.85 8.11 -3.31
N LEU A 86 -10.07 8.97 -2.66
CA LEU A 86 -10.69 10.04 -1.84
C LEU A 86 -11.52 10.98 -2.74
N ALA A 88 -13.10 10.14 -5.52
CA ALA A 88 -14.33 9.38 -5.79
C ALA A 88 -15.31 9.45 -4.61
N LEU A 89 -14.79 9.35 -3.40
CA LEU A 89 -15.63 9.36 -2.21
C LEU A 89 -16.28 10.74 -2.05
N ASP A 90 -15.47 11.76 -2.26
CA ASP A 90 -15.90 13.13 -2.01
C ASP A 90 -16.93 13.61 -3.04
N ILE A 91 -16.85 13.09 -4.26
CA ILE A 91 -17.82 13.39 -5.33
C ILE A 91 -19.13 12.61 -5.18
N SER A 92 -19.01 11.33 -4.80
CA SER A 92 -20.11 10.39 -4.95
C SER A 92 -20.90 10.16 -3.66
N GLY A 93 -20.24 10.30 -2.51
CA GLY A 93 -20.83 9.93 -1.23
C GLY A 93 -21.08 8.43 -1.07
N ALA A 94 -20.41 7.62 -1.89
CA ALA A 94 -20.59 6.18 -1.86
C ALA A 94 -20.20 5.55 -0.53
N ASP A 95 -20.64 4.32 -0.33
CA ASP A 95 -20.31 3.54 0.86
C ASP A 95 -19.00 2.81 0.72
N LEU A 96 -18.59 2.54 -0.52
CA LEU A 96 -17.37 1.80 -0.77
C LEU A 96 -16.74 2.36 -2.02
N VAL A 97 -15.43 2.52 -1.99
CA VAL A 97 -14.69 3.00 -3.13
C VAL A 97 -13.59 2.00 -3.43
N ILE A 98 -13.47 1.66 -4.71
CA ILE A 98 -12.39 0.81 -5.17
C ILE A 98 -11.64 1.65 -6.23
N ALA A 99 -10.34 1.86 -6.05
CA ALA A 99 -9.58 2.69 -7.00
C ALA A 99 -8.22 2.11 -7.25
N ARG A 100 -7.69 2.37 -8.43
CA ARG A 100 -6.38 1.86 -8.80
C ARG A 100 -5.57 3.02 -9.36
N GLY A 101 -4.31 3.10 -8.97
CA GLY A 101 -3.42 4.06 -9.56
C GLY A 101 -2.02 3.81 -9.06
N ARG A 102 -1.16 4.80 -9.22
CA ARG A 102 0.22 4.64 -8.83
C ARG A 102 0.37 4.57 -7.30
N LEU A 103 1.30 3.73 -6.86
CA LEU A 103 1.61 3.56 -5.42
C LEU A 103 2.13 4.84 -4.77
N GLY A 104 3.24 5.35 -5.32
CA GLY A 104 3.94 6.49 -4.79
C GLY A 104 4.61 7.28 -5.88
N VAL A 105 5.94 7.35 -5.84
CA VAL A 105 6.64 8.19 -6.82
C VAL A 105 6.53 7.57 -8.21
N PRO A 106 6.75 8.38 -9.26
CA PRO A 106 6.91 7.83 -10.62
C PRO A 106 7.93 6.69 -10.57
N GLY A 107 7.56 5.54 -11.13
CA GLY A 107 8.40 4.36 -11.12
C GLY A 107 8.01 3.29 -10.12
N SER A 108 7.07 3.62 -9.23
CA SER A 108 6.75 2.74 -8.07
C SER A 108 5.67 1.68 -8.29
N GLY A 109 5.08 1.63 -9.48
CA GLY A 109 4.09 0.63 -9.79
C GLY A 109 2.71 0.94 -9.27
N SER A 110 1.86 -0.08 -9.23
CA SER A 110 0.42 0.11 -9.05
C SER A 110 -0.09 -0.39 -7.71
N LEU A 111 -1.14 0.29 -7.25
CA LEU A 111 -1.83 -0.01 -6.02
C LEU A 111 -3.34 0.11 -6.28
N LEU A 112 -4.07 -0.94 -5.89
CA LEU A 112 -5.53 -0.96 -5.88
C LEU A 112 -5.92 -0.92 -4.41
N VAL A 113 -6.83 0.00 -4.06
CA VAL A 113 -7.34 0.15 -2.71
C VAL A 113 -8.86 -0.07 -2.61
N ILE A 114 -9.29 -0.55 -1.46
CA ILE A 114 -10.71 -0.61 -1.11
C ILE A 114 -10.85 0.29 0.10
N ASP A 116 -13.54 2.76 2.70
CA ASP A 116 -14.92 2.85 3.22
C ASP A 116 -15.48 4.27 3.08
N SER A 117 -16.67 4.49 3.64
CA SER A 117 -17.37 5.76 3.44
C SER A 117 -16.74 6.94 4.17
N ARG A 118 -15.80 6.71 5.09
CA ARG A 118 -15.16 7.79 5.79
C ARG A 118 -13.69 7.96 5.41
N GLY A 119 -13.27 7.30 4.35
CA GLY A 119 -11.93 7.45 3.81
C GLY A 119 -10.90 6.52 4.40
N ARG A 120 -11.35 5.50 5.10
CA ARG A 120 -10.44 4.53 5.67
C ARG A 120 -10.13 3.35 4.74
N LEU A 121 -8.95 2.80 4.92
CA LEU A 121 -8.43 1.78 4.04
C LEU A 121 -8.75 0.40 4.61
N LEU A 122 -9.51 -0.36 3.83
CA LEU A 122 -9.98 -1.70 4.21
C LEU A 122 -9.08 -2.82 3.72
N SER A 123 -8.63 -2.72 2.48
CA SER A 123 -7.72 -3.67 1.91
C SER A 123 -7.06 -3.04 0.68
N ALA A 124 -6.10 -3.76 0.13
CA ALA A 124 -5.35 -3.27 -1.01
C ALA A 124 -4.56 -4.39 -1.66
N ALA A 125 -4.05 -4.11 -2.84
CA ALA A 125 -3.19 -5.05 -3.54
C ALA A 125 -2.33 -4.29 -4.54
N SER A 127 0.85 -4.37 -7.87
CA SER A 127 1.56 -5.04 -8.96
C SER A 127 2.85 -4.28 -9.25
N PRO A 128 3.87 -4.98 -9.71
CA PRO A 128 5.10 -4.28 -10.14
C PRO A 128 4.86 -3.35 -11.32
N PRO A 129 5.73 -2.38 -11.55
CA PRO A 129 5.60 -1.68 -12.84
C PRO A 129 5.63 -2.63 -14.05
N HIS A 130 4.83 -2.34 -15.07
CA HIS A 130 4.76 -3.14 -16.30
C HIS A 130 6.13 -3.37 -16.96
N VAL A 131 6.98 -2.35 -16.88
CA VAL A 131 8.34 -2.41 -17.43
C VAL A 131 9.26 -3.39 -16.70
N ILE A 132 8.87 -3.82 -15.49
CA ILE A 132 9.62 -4.81 -14.72
C ILE A 132 9.06 -6.21 -14.92
N HIS A 133 7.73 -6.33 -14.83
CA HIS A 133 7.06 -7.58 -15.12
C HIS A 133 5.88 -7.31 -16.04
N SER A 134 6.05 -7.71 -17.30
CA SER A 134 5.00 -7.64 -18.30
C SER A 134 3.78 -8.40 -17.80
N GLU A 136 -0.55 -8.17 -18.96
CA GLU A 136 -1.63 -7.43 -19.57
C GLU A 136 -2.42 -6.76 -18.44
N VAL A 137 -2.79 -5.51 -18.65
CA VAL A 137 -3.41 -4.71 -17.60
C VAL A 137 -4.69 -5.35 -17.04
N ARG A 138 -5.54 -5.89 -17.91
CA ARG A 138 -6.79 -6.49 -17.44
C ARG A 138 -6.54 -7.63 -16.44
N GLU A 139 -5.49 -8.42 -16.70
CA GLU A 139 -5.09 -9.50 -15.80
C GLU A 139 -4.45 -8.97 -14.53
N ALA A 140 -3.67 -7.91 -14.65
CA ALA A 140 -3.11 -7.28 -13.46
C ALA A 140 -4.26 -6.82 -12.56
N VAL A 141 -5.23 -6.14 -13.15
CA VAL A 141 -6.35 -5.60 -12.37
C VAL A 141 -7.19 -6.73 -11.77
N ARG A 142 -7.48 -7.74 -12.58
CA ARG A 142 -8.16 -8.92 -12.06
C ARG A 142 -7.44 -9.55 -10.87
N SER A 143 -6.13 -9.70 -10.95
CA SER A 143 -5.36 -10.34 -9.87
C SER A 143 -5.29 -9.49 -8.62
N GLU A 144 -5.14 -8.18 -8.81
CA GLU A 144 -5.10 -7.25 -7.68
C GLU A 144 -6.45 -7.23 -6.96
N THR A 146 -8.72 -9.57 -6.98
CA THR A 146 -8.84 -10.87 -6.33
C THR A 146 -8.02 -10.96 -5.06
N HIS A 147 -6.77 -10.52 -5.12
CA HIS A 147 -5.90 -10.57 -3.98
C HIS A 147 -6.40 -9.65 -2.86
N ALA A 148 -6.89 -8.47 -3.21
CA ALA A 148 -7.43 -7.53 -2.22
C ALA A 148 -8.58 -8.14 -1.43
N LEU A 149 -9.39 -8.98 -2.06
CA LEU A 149 -10.52 -9.60 -1.37
C LEU A 149 -10.10 -10.88 -0.63
N GLU A 150 -9.33 -11.75 -1.31
CA GLU A 150 -8.93 -13.03 -0.70
C GLU A 150 -8.09 -12.86 0.57
N ARG A 151 -7.29 -11.79 0.60
CA ARG A 151 -6.40 -11.54 1.72
C ARG A 151 -7.14 -11.20 3.00
N ILE A 152 -8.40 -10.81 2.90
CA ILE A 152 -9.25 -10.58 4.08
C ILE A 152 -10.32 -11.67 4.18
N GLY A 153 -10.06 -12.82 3.58
CA GLY A 153 -10.83 -14.01 3.88
C GLY A 153 -12.03 -14.23 2.98
N PHE A 154 -12.17 -13.44 1.91
CA PHE A 154 -13.21 -13.71 0.91
C PHE A 154 -12.91 -14.99 0.15
N LYS A 155 -13.97 -15.70 -0.22
CA LYS A 155 -13.85 -17.00 -0.90
C LYS A 155 -14.27 -16.93 -2.37
N LEU B 2 15.77 12.44 -7.64
CA LEU B 2 14.42 11.94 -8.06
C LEU B 2 13.53 13.09 -8.55
N GLU B 3 13.78 14.30 -8.06
CA GLU B 3 12.88 15.45 -8.29
C GLU B 3 12.83 15.81 -9.78
N ASP B 4 13.92 15.59 -10.48
CA ASP B 4 13.99 15.86 -11.92
C ASP B 4 13.05 14.92 -12.70
N LEU B 5 13.06 13.63 -12.34
CA LEU B 5 12.15 12.66 -12.93
C LEU B 5 10.70 12.89 -12.47
N ILE B 6 10.51 13.28 -11.21
CA ILE B 6 9.17 13.64 -10.75
C ILE B 6 8.64 14.81 -11.56
N GLY B 7 9.45 15.85 -11.76
CA GLY B 7 9.01 17.00 -12.53
C GLY B 7 8.52 16.59 -13.92
N LYS B 8 9.33 15.80 -14.60
CA LYS B 8 8.98 15.34 -15.94
C LYS B 8 7.74 14.45 -15.96
N ALA B 9 7.60 13.57 -14.98
CA ALA B 9 6.39 12.73 -14.89
C ALA B 9 5.15 13.55 -14.61
N TYR B 10 5.28 14.57 -13.76
CA TYR B 10 4.15 15.44 -13.44
C TYR B 10 3.70 16.21 -14.68
N LEU B 11 4.67 16.68 -15.45
CA LEU B 11 4.35 17.40 -16.70
C LEU B 11 3.64 16.47 -17.69
N GLU B 12 4.09 15.21 -17.81
CA GLU B 12 3.38 14.22 -18.64
C GLU B 12 1.93 14.06 -18.24
N SER B 13 1.70 13.80 -16.96
CA SER B 13 0.34 13.65 -16.48
C SER B 13 -0.50 14.91 -16.76
N ALA B 14 0.07 16.08 -16.48
CA ALA B 14 -0.57 17.38 -16.67
C ALA B 14 -0.98 17.58 -18.13
N GLU B 15 -0.16 17.06 -19.03
CA GLU B 15 -0.36 17.26 -20.47
C GLU B 15 -1.05 16.07 -21.15
N ASP B 16 -1.60 15.17 -20.35
CA ASP B 16 -2.32 14.00 -20.85
C ASP B 16 -1.41 13.09 -21.73
N ARG B 17 -0.14 13.01 -21.36
CA ARG B 17 0.84 12.16 -22.08
C ARG B 17 1.30 10.94 -21.26
N ARG B 18 0.82 10.79 -20.03
CA ARG B 18 1.31 9.71 -19.17
C ARG B 18 0.74 8.36 -19.57
N ARG B 19 1.61 7.40 -19.83
CA ARG B 19 1.18 6.01 -20.10
C ARG B 19 2.05 5.09 -19.25
N GLY B 20 1.82 5.16 -17.95
CA GLY B 20 2.48 4.24 -17.02
C GLY B 20 3.89 4.66 -16.65
N ASP B 21 4.50 3.89 -15.77
CA ASP B 21 5.84 4.17 -15.30
C ASP B 21 6.86 3.88 -16.37
N ARG B 22 7.97 4.61 -16.35
CA ARG B 22 9.01 4.44 -17.36
C ARG B 22 10.20 3.70 -16.77
N SER B 23 10.90 2.93 -17.59
CA SER B 23 12.10 2.20 -17.14
C SER B 23 13.11 3.07 -16.42
N GLU B 24 13.31 4.28 -16.93
CA GLU B 24 14.28 5.20 -16.33
C GLU B 24 13.85 5.62 -14.93
N GLU B 25 12.53 5.69 -14.70
CA GLU B 25 12.02 6.06 -13.38
C GLU B 25 12.31 4.94 -12.41
N VAL B 26 12.06 3.70 -12.80
CA VAL B 26 12.27 2.57 -11.88
C VAL B 26 13.76 2.44 -11.57
N GLU B 27 14.58 2.64 -12.60
CA GLU B 27 16.04 2.61 -12.44
C GLU B 27 16.50 3.66 -11.44
N ALA B 28 15.94 4.87 -11.52
CA ALA B 28 16.26 5.95 -10.59
C ALA B 28 15.94 5.59 -9.12
N ILE B 29 14.82 4.89 -8.93
CA ILE B 29 14.47 4.44 -7.58
C ILE B 29 15.54 3.47 -7.08
N ARG B 30 15.92 2.49 -7.89
CA ARG B 30 16.98 1.57 -7.48
C ARG B 30 18.29 2.32 -7.14
N LYS B 31 18.65 3.31 -7.95
CA LYS B 31 19.87 4.10 -7.72
C LYS B 31 19.81 4.86 -6.40
N TYR B 32 18.66 5.47 -6.13
CA TYR B 32 18.45 6.18 -4.89
C TYR B 32 18.66 5.23 -3.71
N ILE B 33 18.07 4.04 -3.79
CA ILE B 33 18.20 3.08 -2.71
C ILE B 33 19.66 2.64 -2.52
N ARG B 34 20.35 2.35 -3.61
CA ARG B 34 21.74 1.93 -3.51
C ARG B 34 22.67 3.00 -2.96
N SER B 35 22.35 4.26 -3.26
CA SER B 35 23.15 5.39 -2.86
C SER B 35 22.89 5.91 -1.43
N ALA B 36 21.82 5.45 -0.78
CA ALA B 36 21.43 5.97 0.51
C ALA B 36 22.55 5.82 1.53
N ARG B 37 22.87 6.88 2.28
CA ARG B 37 23.97 6.86 3.26
C ARG B 37 23.55 6.28 4.59
N ARG B 38 22.25 6.31 4.86
CA ARG B 38 21.74 5.85 6.12
C ARG B 38 20.34 5.36 5.95
N THR B 39 20.06 4.14 6.38
CA THR B 39 18.76 3.55 6.26
C THR B 39 18.33 3.30 7.69
N VAL B 40 17.09 3.64 8.02
CA VAL B 40 16.58 3.54 9.38
C VAL B 40 15.25 2.79 9.35
N VAL B 41 15.06 1.98 10.39
CA VAL B 41 13.85 1.20 10.58
C VAL B 41 13.31 1.52 11.99
N PRO B 42 12.04 2.01 12.07
CA PRO B 42 11.43 2.29 13.38
C PRO B 42 11.00 1.04 14.17
N ASN B 43 10.73 -0.06 13.46
CA ASN B 43 10.40 -1.31 14.11
C ASN B 43 11.53 -1.70 15.05
N TRP B 44 11.17 -2.05 16.27
CA TRP B 44 12.17 -2.36 17.33
C TRP B 44 12.37 -3.85 17.49
N ASN B 45 11.40 -4.66 17.06
CA ASN B 45 11.45 -6.08 17.24
C ASN B 45 12.62 -6.70 16.48
N ALA B 46 13.58 -7.29 17.22
CA ALA B 46 14.81 -7.84 16.63
C ALA B 46 14.55 -8.85 15.52
N GLU B 47 13.50 -9.64 15.67
CA GLU B 47 13.07 -10.62 14.67
C GLU B 47 12.71 -9.96 13.33
N LYS B 48 11.96 -8.87 13.40
CA LYS B 48 11.57 -8.10 12.22
C LYS B 48 12.77 -7.34 11.64
N VAL B 49 13.50 -6.63 12.49
CA VAL B 49 14.69 -5.89 12.04
C VAL B 49 15.76 -6.82 11.44
N ASP B 50 16.00 -7.96 12.07
CA ASP B 50 16.98 -8.92 11.55
C ASP B 50 16.53 -9.50 10.23
N ALA B 51 15.24 -9.77 10.07
CA ALA B 51 14.74 -10.28 8.79
C ALA B 51 14.94 -9.25 7.68
N ILE B 52 14.63 -7.99 7.99
CA ILE B 52 14.84 -6.91 7.05
C ILE B 52 16.33 -6.86 6.66
N ASN B 53 17.20 -6.87 7.65
CA ASN B 53 18.64 -6.76 7.40
C ASN B 53 19.24 -7.96 6.65
N ASP B 54 18.69 -9.16 6.90
CA ASP B 54 19.08 -10.35 6.17
C ASP B 54 18.78 -10.17 4.69
N VAL B 55 17.60 -9.63 4.38
CA VAL B 55 17.22 -9.38 2.99
C VAL B 55 18.11 -8.30 2.38
N LEU B 56 18.29 -7.19 3.07
CA LEU B 56 19.12 -6.11 2.54
C LEU B 56 20.51 -6.65 2.20
N ARG B 57 21.09 -7.39 3.13
CA ARG B 57 22.43 -7.94 2.90
C ARG B 57 22.46 -8.83 1.65
N SER B 58 21.44 -9.67 1.48
CA SER B 58 21.33 -10.58 0.33
C SER B 58 21.21 -9.87 -1.03
N PHE B 59 20.77 -8.61 -0.99
CA PHE B 59 20.67 -7.77 -2.16
C PHE B 59 21.84 -6.78 -2.26
N ASN B 60 22.85 -6.97 -1.42
CA ASN B 60 24.06 -6.15 -1.42
C ASN B 60 23.77 -4.71 -1.01
N LEU B 61 22.79 -4.50 -0.13
CA LEU B 61 22.44 -3.17 0.36
C LEU B 61 22.91 -2.95 1.82
N ARG B 62 23.31 -1.73 2.18
CA ARG B 62 23.70 -1.42 3.56
C ARG B 62 22.56 -1.76 4.52
N GLU B 63 22.91 -2.28 5.69
CA GLU B 63 21.91 -2.64 6.66
C GLU B 63 21.34 -1.41 7.36
N ALA B 64 20.12 -1.58 7.85
CA ALA B 64 19.39 -0.52 8.54
C ALA B 64 19.78 -0.47 10.01
N GLU B 65 19.88 0.75 10.52
CA GLU B 65 19.88 0.96 11.95
C GLU B 65 18.44 1.00 12.42
N HIS B 66 18.20 0.70 13.68
CA HIS B 66 16.80 0.79 14.09
C HIS B 66 16.66 1.76 15.22
N LEU B 67 15.44 2.24 15.39
CA LEU B 67 15.13 3.19 16.42
C LEU B 67 14.54 2.45 17.61
N GLN B 68 14.54 3.14 18.74
CA GLN B 68 13.87 2.64 19.92
C GLN B 68 12.97 3.76 20.43
N PHE B 69 11.71 3.70 20.01
CA PHE B 69 10.67 4.53 20.58
C PHE B 69 9.36 3.76 20.49
N ASN B 70 8.33 4.25 21.17
CA ASN B 70 7.05 3.57 21.16
C ASN B 70 6.41 3.75 19.79
N THR B 71 6.18 2.62 19.10
CA THR B 71 5.57 2.62 17.77
C THR B 71 4.10 2.21 17.82
N ASN B 72 3.59 1.80 18.98
CA ASN B 72 2.17 1.54 19.16
C ASN B 72 1.27 2.69 18.76
N TRP B 73 1.72 3.91 18.97
CA TRP B 73 0.85 5.05 18.71
C TRP B 73 0.53 5.24 17.22
N ALA B 74 1.38 4.72 16.33
CA ALA B 74 1.07 4.73 14.89
C ALA B 74 -0.25 4.00 14.58
N ASP B 75 -0.61 3.05 15.44
CA ASP B 75 -1.80 2.23 15.26
C ASP B 75 -3.11 2.98 15.59
N LEU B 76 -3.00 4.23 16.00
CA LEU B 76 -4.16 5.10 16.20
C LEU B 76 -4.35 6.07 15.04
N THR B 77 -3.68 5.81 13.92
CA THR B 77 -3.76 6.67 12.73
C THR B 77 -4.26 5.83 11.58
N ARG B 78 -4.65 6.48 10.49
CA ARG B 78 -5.31 5.82 9.38
C ARG B 78 -4.47 4.86 8.57
N PRO B 80 -1.13 3.18 9.57
CA PRO B 80 -0.08 3.02 10.58
C PRO B 80 1.35 2.84 10.06
N ALA B 81 1.56 1.98 9.05
CA ALA B 81 2.92 1.78 8.51
C ALA B 81 3.51 3.09 8.00
N VAL B 82 2.71 3.86 7.28
CA VAL B 82 3.17 5.16 6.73
C VAL B 82 3.48 6.14 7.85
N THR B 83 2.57 6.20 8.84
CA THR B 83 2.78 7.06 10.01
C THR B 83 4.13 6.74 10.69
N LYS B 84 4.39 5.43 10.83
CA LYS B 84 5.57 4.95 11.49
C LYS B 84 6.84 5.34 10.70
N ALA B 85 6.75 5.22 9.39
CA ALA B 85 7.85 5.57 8.52
C ALA B 85 8.13 7.06 8.66
N LEU B 86 7.07 7.86 8.62
CA LEU B 86 7.24 9.33 8.73
C LEU B 86 7.85 9.73 10.10
N ALA B 88 9.87 7.87 11.88
CA ALA B 88 11.28 7.49 11.74
C ALA B 88 12.06 8.55 10.95
N LEU B 89 11.49 9.02 9.85
CA LEU B 89 12.13 10.08 9.07
C LEU B 89 12.32 11.36 9.86
N ASP B 90 11.27 11.77 10.58
CA ASP B 90 11.27 13.06 11.27
C ASP B 90 12.21 13.09 12.48
N ILE B 91 12.41 11.95 13.12
CA ILE B 91 13.34 11.80 14.23
C ILE B 91 14.79 11.65 13.78
N SER B 92 15.00 10.95 12.67
CA SER B 92 16.35 10.52 12.27
C SER B 92 17.01 11.36 11.20
N GLY B 93 16.24 11.97 10.31
CA GLY B 93 16.77 12.65 9.15
C GLY B 93 17.47 11.75 8.14
N ALA B 94 17.19 10.44 8.21
CA ALA B 94 17.83 9.47 7.34
C ALA B 94 17.46 9.66 5.89
N ASP B 95 18.26 9.03 5.05
CA ASP B 95 18.07 9.07 3.60
C ASP B 95 17.06 8.04 3.09
N LEU B 96 16.87 6.97 3.86
CA LEU B 96 15.97 5.90 3.46
C LEU B 96 15.36 5.35 4.71
N VAL B 97 14.05 5.14 4.66
CA VAL B 97 13.34 4.56 5.77
C VAL B 97 12.60 3.33 5.29
N ILE B 98 12.70 2.26 6.07
CA ILE B 98 11.93 1.05 5.84
C ILE B 98 11.12 0.78 7.09
N ALA B 99 9.80 0.61 6.93
CA ALA B 99 8.92 0.48 8.07
C ALA B 99 7.81 -0.48 7.76
N ARG B 100 7.33 -1.16 8.79
CA ARG B 100 6.29 -2.15 8.64
C ARG B 100 5.25 -1.93 9.70
N GLY B 101 4.00 -2.04 9.31
CA GLY B 101 2.91 -1.88 10.25
C GLY B 101 1.60 -2.17 9.57
N ARG B 102 0.52 -1.82 10.24
CA ARG B 102 -0.80 -2.08 9.68
C ARG B 102 -1.08 -1.22 8.46
N LEU B 103 -1.75 -1.81 7.48
CA LEU B 103 -2.08 -1.13 6.20
C LEU B 103 -3.08 0.03 6.41
N GLY B 104 -4.19 -0.29 7.07
CA GLY B 104 -5.27 0.65 7.29
C GLY B 104 -6.00 0.37 8.59
N VAL B 105 -7.31 0.08 8.48
CA VAL B 105 -8.13 -0.16 9.67
C VAL B 105 -7.70 -1.45 10.39
N PRO B 106 -8.05 -1.58 11.68
CA PRO B 106 -7.90 -2.89 12.33
C PRO B 106 -8.49 -3.98 11.47
N GLY B 107 -7.74 -5.05 11.28
CA GLY B 107 -8.17 -6.17 10.45
C GLY B 107 -7.59 -6.22 9.05
N SER B 108 -6.93 -5.14 8.63
CA SER B 108 -6.51 -4.95 7.24
C SER B 108 -5.12 -5.52 6.87
N GLY B 109 -4.42 -6.14 7.83
CA GLY B 109 -3.15 -6.78 7.52
C GLY B 109 -1.99 -5.83 7.49
N SER B 110 -0.86 -6.27 6.90
CA SER B 110 0.39 -5.55 7.03
C SER B 110 0.86 -4.95 5.72
N LEU B 111 1.60 -3.87 5.89
CA LEU B 111 2.23 -3.11 4.82
C LEU B 111 3.65 -2.78 5.26
N LEU B 112 4.61 -3.08 4.38
CA LEU B 112 5.99 -2.65 4.53
C LEU B 112 6.25 -1.60 3.47
N VAL B 113 6.84 -0.47 3.87
CA VAL B 113 7.11 0.60 2.93
C VAL B 113 8.59 0.93 2.89
N ILE B 114 9.02 1.41 1.72
CA ILE B 114 10.37 1.99 1.54
C ILE B 114 10.13 3.46 1.15
N ASP B 116 11.65 7.62 0.99
CA ASP B 116 12.86 8.42 0.79
C ASP B 116 12.98 9.57 1.80
N SER B 117 13.98 10.43 1.63
CA SER B 117 14.32 11.42 2.65
C SER B 117 13.29 12.55 2.76
N ARG B 118 12.37 12.64 1.78
CA ARG B 118 11.36 13.66 1.83
C ARG B 118 9.98 13.11 2.10
N GLY B 119 9.90 11.85 2.48
CA GLY B 119 8.63 11.22 2.82
C GLY B 119 7.83 10.60 1.67
N ARG B 120 8.49 10.41 0.54
CA ARG B 120 7.84 9.81 -0.62
C ARG B 120 8.03 8.32 -0.65
N LEU B 121 7.03 7.63 -1.20
CA LEU B 121 6.98 6.18 -1.19
C LEU B 121 7.62 5.63 -2.46
N LEU B 122 8.70 4.87 -2.27
CA LEU B 122 9.46 4.27 -3.35
C LEU B 122 8.95 2.89 -3.77
N SER B 123 8.61 2.07 -2.78
CA SER B 123 8.11 0.74 -3.00
C SER B 123 7.43 0.25 -1.73
N ALA B 124 6.77 -0.90 -1.83
CA ALA B 124 6.05 -1.44 -0.72
C ALA B 124 5.67 -2.90 -0.98
N ALA B 125 5.20 -3.58 0.05
CA ALA B 125 4.74 -4.95 -0.06
C ALA B 125 3.80 -5.24 1.09
N SER B 127 1.26 -8.24 3.41
CA SER B 127 0.85 -9.61 3.76
C SER B 127 -0.61 -9.57 4.30
N PRO B 128 -1.32 -10.70 4.16
CA PRO B 128 -2.63 -10.79 4.80
C PRO B 128 -2.52 -10.71 6.32
N PRO B 129 -3.64 -10.47 7.01
CA PRO B 129 -3.54 -10.57 8.49
C PRO B 129 -3.09 -11.96 8.90
N HIS B 130 -2.36 -12.09 10.00
CA HIS B 130 -1.79 -13.38 10.41
C HIS B 130 -2.89 -14.43 10.65
N VAL B 131 -4.06 -13.97 11.09
CA VAL B 131 -5.19 -14.86 11.30
C VAL B 131 -5.67 -15.51 10.00
N ILE B 132 -5.48 -14.81 8.88
CA ILE B 132 -5.84 -15.33 7.55
C ILE B 132 -4.78 -16.24 6.96
N HIS B 133 -3.54 -15.78 7.00
CA HIS B 133 -2.39 -16.55 6.52
C HIS B 133 -1.42 -16.76 7.68
N SER B 134 -1.38 -17.99 8.18
CA SER B 134 -0.40 -18.37 9.18
C SER B 134 0.97 -18.50 8.53
N GLU B 136 4.84 -17.58 9.51
CA GLU B 136 5.69 -17.13 10.60
C GLU B 136 6.05 -15.66 10.31
N VAL B 137 6.06 -14.83 11.35
CA VAL B 137 6.22 -13.39 11.16
C VAL B 137 7.54 -13.02 10.49
N ARG B 138 8.63 -13.70 10.83
CA ARG B 138 9.92 -13.39 10.22
C ARG B 138 9.91 -13.78 8.74
N GLU B 139 9.16 -14.84 8.39
CA GLU B 139 8.97 -15.22 6.98
C GLU B 139 8.10 -14.17 6.29
N ALA B 140 7.03 -13.73 6.95
CA ALA B 140 6.22 -12.61 6.45
C ALA B 140 7.08 -11.38 6.14
N VAL B 141 7.93 -10.95 7.09
CA VAL B 141 8.74 -9.74 6.90
C VAL B 141 9.81 -9.99 5.84
N ARG B 142 10.51 -11.11 5.96
CA ARG B 142 11.45 -11.47 4.89
C ARG B 142 10.80 -11.43 3.49
N SER B 143 9.62 -12.03 3.33
CA SER B 143 8.99 -12.07 2.01
C SER B 143 8.52 -10.70 1.56
N GLU B 144 8.06 -9.88 2.51
CA GLU B 144 7.65 -8.50 2.19
C GLU B 144 8.85 -7.66 1.73
N THR B 146 11.66 -8.75 0.53
CA THR B 146 12.11 -9.29 -0.76
C THR B 146 11.22 -8.80 -1.90
N HIS B 147 9.89 -8.86 -1.71
CA HIS B 147 8.95 -8.45 -2.74
C HIS B 147 9.10 -6.94 -3.03
N ALA B 148 9.26 -6.15 -1.97
CA ALA B 148 9.39 -4.69 -2.10
C ALA B 148 10.61 -4.30 -2.97
N LEU B 149 11.67 -5.11 -2.91
CA LEU B 149 12.87 -4.84 -3.74
C LEU B 149 12.80 -5.45 -5.13
N GLU B 150 12.32 -6.68 -5.22
CA GLU B 150 12.24 -7.34 -6.54
C GLU B 150 11.24 -6.71 -7.49
N ARG B 151 10.14 -6.18 -6.95
CA ARG B 151 9.14 -5.52 -7.80
C ARG B 151 9.66 -4.28 -8.49
N ILE B 152 10.73 -3.68 -7.99
CA ILE B 152 11.34 -2.54 -8.69
C ILE B 152 12.66 -2.93 -9.36
N GLY B 153 12.88 -4.23 -9.54
CA GLY B 153 13.93 -4.72 -10.39
C GLY B 153 15.22 -5.11 -9.72
N PHE B 154 15.25 -5.11 -8.39
CA PHE B 154 16.43 -5.64 -7.70
C PHE B 154 16.57 -7.15 -7.91
N LYS B 155 17.81 -7.61 -7.99
CA LYS B 155 18.08 -9.05 -8.12
C LYS B 155 19.07 -9.50 -7.04
N ARG B 156 18.72 -10.61 -6.40
CA ARG B 156 19.43 -11.11 -5.22
C ARG B 156 20.74 -11.74 -5.64
#